data_6K6N
#
_entry.id   6K6N
#
_cell.length_a   72.531
_cell.length_b   72.531
_cell.length_c   111.087
_cell.angle_alpha   90.000
_cell.angle_beta   90.000
_cell.angle_gamma   120.000
#
_symmetry.space_group_name_H-M   'P 65 2 2'
#
loop_
_entity.id
_entity.type
_entity.pdbx_description
1 polymer 'Protein Nef'
2 water water
#
_entity_poly.entity_id   1
_entity_poly.type   'polypeptide(L)'
_entity_poly.pdbx_seq_one_letter_code
;GPIDEEDDDLVGVSVRPKVPLRTMSYKLAIDMSHFIKEKGGLEGIYYSARRHRILDIYLEKEEGIIPDWQDYTSGPGIRY
PKTFGWLWKLVPVNVSDEAQEDEEHYLMHPAQTSQWDDPWGEVLAWKFDPTLAYTYEAYVRYPEEFGSKSGLSEEEVRRR
LTARGLLNMADKKETR
;
_entity_poly.pdbx_strand_id   A
#
# COMPACT_ATOMS: atom_id res chain seq x y z
N GLY A 1 -28.33 -14.09 -3.58
CA GLY A 1 -27.48 -13.17 -4.32
C GLY A 1 -27.97 -12.91 -5.73
N PRO A 2 -27.11 -12.34 -6.58
CA PRO A 2 -27.52 -12.02 -7.94
C PRO A 2 -27.93 -13.27 -8.72
N ILE A 3 -28.81 -13.07 -9.71
CA ILE A 3 -29.40 -14.20 -10.42
C ILE A 3 -28.34 -15.05 -11.13
N ASP A 4 -27.16 -14.49 -11.38
CA ASP A 4 -26.08 -15.30 -11.96
C ASP A 4 -25.72 -16.49 -11.07
N GLU A 5 -25.90 -16.35 -9.75
CA GLU A 5 -25.62 -17.43 -8.83
C GLU A 5 -26.48 -18.66 -9.06
N GLU A 6 -27.58 -18.54 -9.81
CA GLU A 6 -28.47 -19.67 -10.07
C GLU A 6 -28.23 -20.28 -11.44
N ASP A 7 -27.20 -19.84 -12.15
CA ASP A 7 -26.84 -20.45 -13.43
C ASP A 7 -26.33 -21.87 -13.17
N ASP A 8 -27.03 -22.87 -13.73
CA ASP A 8 -26.57 -24.24 -13.59
C ASP A 8 -25.27 -24.48 -14.34
N ASP A 9 -24.97 -23.66 -15.34
CA ASP A 9 -23.73 -23.74 -16.10
C ASP A 9 -22.64 -22.84 -15.53
N LEU A 10 -22.84 -22.29 -14.33
CA LEU A 10 -21.82 -21.46 -13.73
C LEU A 10 -20.55 -22.27 -13.50
N VAL A 11 -19.42 -21.71 -13.90
CA VAL A 11 -18.14 -22.43 -13.92
C VAL A 11 -17.30 -21.99 -12.72
N GLY A 12 -16.83 -22.98 -11.95
CA GLY A 12 -15.94 -22.70 -10.84
C GLY A 12 -16.67 -22.17 -9.62
N VAL A 13 -15.87 -21.62 -8.71
CA VAL A 13 -16.40 -20.99 -7.49
C VAL A 13 -15.51 -19.80 -7.13
N SER A 14 -16.14 -18.73 -6.66
CA SER A 14 -15.41 -17.52 -6.34
C SER A 14 -14.60 -17.70 -5.06
N VAL A 15 -13.33 -17.30 -5.08
CA VAL A 15 -12.45 -17.40 -3.94
C VAL A 15 -12.49 -16.10 -3.15
N ARG A 16 -13.37 -15.19 -3.55
CA ARG A 16 -13.54 -13.93 -2.85
C ARG A 16 -14.34 -14.15 -1.57
N PRO A 17 -13.92 -13.55 -0.45
CA PRO A 17 -14.70 -13.67 0.78
C PRO A 17 -16.10 -13.07 0.59
N LYS A 18 -17.09 -13.70 1.23
CA LYS A 18 -18.47 -13.25 1.13
C LYS A 18 -18.68 -12.01 2.01
N VAL A 19 -17.97 -10.95 1.65
CA VAL A 19 -18.14 -9.63 2.25
C VAL A 19 -18.43 -8.65 1.13
N PRO A 20 -19.20 -7.59 1.37
CA PRO A 20 -19.37 -6.56 0.33
C PRO A 20 -18.10 -5.76 0.17
N LEU A 21 -17.64 -5.64 -1.07
CA LEU A 21 -16.36 -4.99 -1.35
C LEU A 21 -16.48 -3.48 -1.24
N ARG A 22 -15.42 -2.84 -0.75
CA ARG A 22 -15.38 -1.39 -0.64
C ARG A 22 -13.94 -0.92 -0.80
N THR A 23 -13.81 0.34 -1.21
CA THR A 23 -12.50 0.95 -1.42
C THR A 23 -12.00 1.56 -0.13
N MET A 24 -10.70 1.44 0.10
CA MET A 24 -10.09 2.03 1.29
C MET A 24 -10.20 3.54 1.26
N SER A 25 -10.95 4.10 2.21
CA SER A 25 -11.05 5.54 2.37
C SER A 25 -10.07 6.00 3.43
N TYR A 26 -9.90 7.33 3.52
CA TYR A 26 -9.09 7.89 4.60
C TYR A 26 -9.60 7.43 5.96
N LYS A 27 -10.90 7.44 6.15
CA LYS A 27 -11.51 7.01 7.37
C LYS A 27 -11.20 5.58 7.72
N LEU A 28 -11.42 4.69 6.76
CA LEU A 28 -11.12 3.27 6.98
C LEU A 28 -9.63 3.06 7.22
N ALA A 29 -8.79 3.81 6.50
CA ALA A 29 -7.35 3.67 6.67
C ALA A 29 -6.91 4.08 8.07
N ILE A 30 -7.50 5.15 8.60
CA ILE A 30 -7.21 5.56 9.98
C ILE A 30 -7.67 4.47 10.95
N ASP A 31 -8.88 3.96 10.77
CA ASP A 31 -9.41 2.95 11.68
C ASP A 31 -8.56 1.68 11.63
N MET A 32 -8.21 1.23 10.43
CA MET A 32 -7.43 0.01 10.32
C MET A 32 -6.01 0.21 10.84
N SER A 33 -5.46 1.41 10.65
CA SER A 33 -4.15 1.72 11.20
C SER A 33 -4.14 1.55 12.71
N HIS A 34 -5.13 2.13 13.39
CA HIS A 34 -5.19 2.03 14.84
C HIS A 34 -5.52 0.62 15.31
N PHE A 35 -6.39 -0.07 14.57
CA PHE A 35 -6.68 -1.46 14.90
C PHE A 35 -5.42 -2.31 14.86
N ILE A 36 -4.67 -2.22 13.75
CA ILE A 36 -3.44 -2.99 13.63
C ILE A 36 -2.43 -2.58 14.69
N LYS A 37 -2.37 -1.29 15.01
CA LYS A 37 -1.49 -0.82 16.08
C LYS A 37 -1.86 -1.47 17.41
N GLU A 38 -3.15 -1.45 17.74
CA GLU A 38 -3.61 -2.02 19.00
C GLU A 38 -3.40 -3.53 19.05
N LYS A 39 -3.56 -4.22 17.92
CA LYS A 39 -3.36 -5.66 17.89
C LYS A 39 -1.89 -6.05 17.84
N GLY A 40 -0.99 -5.11 17.57
CA GLY A 40 0.43 -5.43 17.51
C GLY A 40 0.84 -6.13 16.23
N GLY A 41 0.15 -5.84 15.12
CA GLY A 41 0.37 -6.61 13.90
C GLY A 41 1.60 -6.20 13.12
N LEU A 42 2.06 -4.95 13.26
CA LEU A 42 3.07 -4.43 12.35
C LEU A 42 4.22 -3.69 13.01
N GLU A 43 4.07 -3.14 14.21
CA GLU A 43 5.09 -2.22 14.73
C GLU A 43 6.42 -2.92 14.90
N GLY A 44 7.42 -2.44 14.14
CA GLY A 44 8.73 -3.05 14.17
C GLY A 44 8.82 -4.41 13.51
N ILE A 45 7.76 -4.88 12.85
CA ILE A 45 7.84 -6.14 12.12
C ILE A 45 8.61 -5.91 10.82
N TYR A 46 9.55 -6.81 10.52
CA TYR A 46 10.28 -6.71 9.27
C TYR A 46 9.33 -6.84 8.10
N TYR A 47 9.50 -5.97 7.10
CA TYR A 47 8.63 -5.97 5.94
C TYR A 47 9.00 -7.10 5.00
N SER A 48 7.99 -7.75 4.44
CA SER A 48 8.17 -8.73 3.38
C SER A 48 6.98 -8.64 2.46
N ALA A 49 7.15 -9.14 1.24
CA ALA A 49 6.03 -9.17 0.30
C ALA A 49 4.93 -10.12 0.78
N ARG A 50 5.30 -11.22 1.43
CA ARG A 50 4.28 -12.13 1.93
C ARG A 50 3.45 -11.47 3.03
N ARG A 51 4.10 -10.79 3.97
CA ARG A 51 3.36 -10.07 5.00
C ARG A 51 2.51 -8.96 4.40
N HIS A 52 3.01 -8.32 3.35
CA HIS A 52 2.21 -7.33 2.61
C HIS A 52 0.91 -7.97 2.13
N ARG A 53 1.00 -9.15 1.52
CA ARG A 53 -0.20 -9.84 1.03
C ARG A 53 -1.09 -10.29 2.19
N ILE A 54 -0.50 -10.83 3.26
CA ILE A 54 -1.29 -11.29 4.40
C ILE A 54 -2.16 -10.16 4.94
N LEU A 55 -1.59 -8.96 5.01
CA LEU A 55 -2.36 -7.80 5.47
C LEU A 55 -3.46 -7.44 4.48
N ASP A 56 -3.14 -7.45 3.19
CA ASP A 56 -4.16 -7.19 2.18
C ASP A 56 -5.32 -8.17 2.32
N ILE A 57 -5.01 -9.46 2.39
CA ILE A 57 -6.04 -10.49 2.49
C ILE A 57 -6.83 -10.34 3.79
N TYR A 58 -6.12 -10.06 4.89
CA TYR A 58 -6.77 -9.93 6.18
C TYR A 58 -7.79 -8.81 6.17
N LEU A 59 -7.43 -7.65 5.64
CA LEU A 59 -8.34 -6.52 5.63
C LEU A 59 -9.50 -6.72 4.67
N GLU A 60 -9.29 -7.45 3.58
CA GLU A 60 -10.41 -7.78 2.71
C GLU A 60 -11.36 -8.75 3.42
N LYS A 61 -10.82 -9.73 4.14
CA LYS A 61 -11.66 -10.67 4.87
C LYS A 61 -12.48 -9.97 5.93
N GLU A 62 -11.84 -9.16 6.77
CA GLU A 62 -12.50 -8.59 7.93
C GLU A 62 -13.39 -7.40 7.56
N GLU A 63 -12.98 -6.60 6.58
CA GLU A 63 -13.67 -5.35 6.28
C GLU A 63 -14.06 -5.20 4.82
N GLY A 64 -13.83 -6.20 3.98
CA GLY A 64 -14.18 -6.10 2.58
C GLY A 64 -13.38 -5.10 1.79
N ILE A 65 -12.20 -4.69 2.29
CA ILE A 65 -11.39 -3.69 1.60
C ILE A 65 -10.80 -4.31 0.34
N ILE A 66 -11.05 -3.68 -0.81
CA ILE A 66 -10.41 -4.14 -2.04
C ILE A 66 -8.90 -3.96 -1.90
N PRO A 67 -8.10 -5.01 -2.13
CA PRO A 67 -6.66 -4.95 -1.80
C PRO A 67 -5.82 -4.31 -2.89
N ASP A 68 -6.09 -3.04 -3.19
CA ASP A 68 -5.25 -2.25 -4.08
C ASP A 68 -4.94 -0.89 -3.48
N TRP A 69 -4.96 -0.80 -2.15
CA TRP A 69 -4.71 0.42 -1.42
C TRP A 69 -3.30 0.50 -0.84
N GLN A 70 -2.66 -0.64 -0.60
CA GLN A 70 -1.39 -0.67 0.15
C GLN A 70 -0.23 -0.49 -0.82
N ASP A 71 -0.03 0.75 -1.23
CA ASP A 71 1.08 1.16 -2.07
C ASP A 71 1.95 2.10 -1.26
N TYR A 72 3.26 1.86 -1.26
CA TYR A 72 4.22 2.73 -0.61
C TYR A 72 5.14 3.35 -1.67
N THR A 73 5.67 4.54 -1.37
CA THR A 73 6.55 5.19 -2.34
C THR A 73 7.79 4.32 -2.57
N SER A 74 8.41 4.51 -3.74
CA SER A 74 9.38 3.55 -4.23
C SER A 74 10.65 3.52 -3.40
N GLY A 75 11.13 4.68 -2.96
CA GLY A 75 12.35 4.74 -2.19
C GLY A 75 13.55 5.15 -3.03
N PRO A 76 14.77 4.89 -2.53
CA PRO A 76 15.07 4.24 -1.26
C PRO A 76 14.82 5.16 -0.08
N GLY A 77 15.15 4.71 1.13
CA GLY A 77 14.79 5.45 2.33
C GLY A 77 13.43 5.03 2.85
N ILE A 78 12.81 5.92 3.62
CA ILE A 78 11.48 5.65 4.13
C ILE A 78 10.50 5.55 2.96
N ARG A 79 9.67 4.50 2.99
CA ARG A 79 8.63 4.31 1.98
C ARG A 79 7.30 4.76 2.59
N TYR A 80 6.76 5.86 2.07
CA TYR A 80 5.59 6.49 2.64
C TYR A 80 4.31 5.93 2.02
N PRO A 81 3.23 5.83 2.81
CA PRO A 81 1.98 5.28 2.28
C PRO A 81 1.36 6.22 1.26
N LYS A 82 1.03 5.68 0.08
CA LYS A 82 0.43 6.50 -0.95
C LYS A 82 -1.08 6.64 -0.78
N THR A 83 -1.69 5.82 0.07
CA THR A 83 -3.10 6.00 0.45
C THR A 83 -3.11 6.83 1.73
N PHE A 84 -3.46 8.10 1.59
CA PHE A 84 -3.49 9.01 2.74
C PHE A 84 -4.51 8.52 3.76
N GLY A 85 -4.09 8.49 5.04
CA GLY A 85 -4.86 7.92 6.12
C GLY A 85 -4.28 6.63 6.65
N TRP A 86 -3.53 5.91 5.83
CA TRP A 86 -2.78 4.74 6.30
C TRP A 86 -1.59 5.25 7.10
N LEU A 87 -1.53 4.89 8.38
CA LEU A 87 -0.54 5.45 9.28
C LEU A 87 0.71 4.60 9.41
N TRP A 88 0.99 3.75 8.42
CA TRP A 88 2.11 2.82 8.49
C TRP A 88 3.08 3.10 7.34
N LYS A 89 4.36 3.20 7.67
CA LYS A 89 5.41 3.41 6.69
C LYS A 89 6.46 2.32 6.83
N LEU A 90 7.29 2.19 5.80
CA LEU A 90 8.41 1.25 5.80
C LEU A 90 9.69 2.03 6.03
N VAL A 91 10.49 1.58 6.99
CA VAL A 91 11.69 2.29 7.44
C VAL A 91 12.89 1.39 7.20
N PRO A 92 13.95 1.88 6.55
CA PRO A 92 15.14 1.05 6.35
C PRO A 92 15.83 0.77 7.68
N VAL A 93 16.19 -0.49 7.90
CA VAL A 93 16.92 -0.92 9.08
C VAL A 93 18.39 -1.04 8.71
N ASN A 94 19.27 -0.40 9.48
CA ASN A 94 20.70 -0.37 9.18
C ASN A 94 21.37 -1.48 9.98
N VAL A 95 21.50 -2.64 9.35
CA VAL A 95 22.11 -3.78 10.03
C VAL A 95 23.62 -3.60 10.13
N SER A 96 24.24 -4.43 10.97
CA SER A 96 25.68 -4.38 11.17
C SER A 96 26.38 -5.42 10.28
N SER A 114 13.51 -9.95 3.16
CA SER A 114 13.37 -8.49 3.14
C SER A 114 14.34 -7.87 2.14
N GLN A 115 15.64 -8.10 2.37
CA GLN A 115 16.66 -7.49 1.53
C GLN A 115 16.53 -7.93 0.07
N TRP A 116 16.15 -9.19 -0.15
CA TRP A 116 16.01 -9.70 -1.51
C TRP A 116 14.70 -9.28 -2.16
N ASP A 117 13.67 -8.98 -1.37
CA ASP A 117 12.42 -8.50 -1.92
C ASP A 117 12.58 -7.09 -2.49
N ASP A 118 13.20 -6.20 -1.72
CA ASP A 118 13.17 -4.77 -2.03
C ASP A 118 14.00 -4.45 -3.26
N PRO A 119 13.46 -3.69 -4.22
CA PRO A 119 14.28 -3.31 -5.39
C PRO A 119 15.53 -2.53 -5.04
N TRP A 120 15.53 -1.78 -3.94
CA TRP A 120 16.70 -1.05 -3.50
C TRP A 120 17.58 -1.87 -2.57
N GLY A 121 17.19 -3.11 -2.27
CA GLY A 121 18.00 -3.96 -1.44
C GLY A 121 18.09 -3.54 0.01
N GLU A 122 17.12 -2.76 0.49
CA GLU A 122 17.12 -2.32 1.87
C GLU A 122 16.35 -3.32 2.73
N VAL A 123 16.81 -3.49 3.96
CA VAL A 123 16.02 -4.18 4.98
C VAL A 123 15.01 -3.18 5.53
N LEU A 124 13.73 -3.52 5.42
CA LEU A 124 12.66 -2.61 5.79
C LEU A 124 11.85 -3.17 6.94
N ALA A 125 11.36 -2.28 7.81
CA ALA A 125 10.50 -2.63 8.92
C ALA A 125 9.32 -1.67 8.95
N TRP A 126 8.15 -2.20 9.33
CA TRP A 126 6.97 -1.38 9.46
C TRP A 126 7.11 -0.44 10.65
N LYS A 127 6.56 0.77 10.52
CA LYS A 127 6.63 1.76 11.58
C LYS A 127 5.35 2.58 11.60
N PHE A 128 4.75 2.67 12.78
CA PHE A 128 3.58 3.52 12.99
C PHE A 128 4.02 4.98 13.09
N ASP A 129 3.27 5.86 12.43
CA ASP A 129 3.57 7.30 12.45
C ASP A 129 2.26 8.07 12.47
N PRO A 130 1.86 8.60 13.64
CA PRO A 130 0.58 9.32 13.72
C PRO A 130 0.58 10.63 12.96
N THR A 131 1.75 11.21 12.67
CA THR A 131 1.78 12.45 11.88
C THR A 131 1.32 12.22 10.46
N LEU A 132 1.28 10.96 10.00
CA LEU A 132 0.79 10.65 8.66
C LEU A 132 -0.72 10.81 8.54
N ALA A 133 -1.42 11.09 9.64
CA ALA A 133 -2.84 11.40 9.55
C ALA A 133 -3.08 12.83 9.07
N TYR A 134 -2.06 13.69 9.13
CA TYR A 134 -2.20 15.11 8.82
C TYR A 134 -1.28 15.59 7.72
N THR A 135 -0.17 14.90 7.46
CA THR A 135 0.76 15.27 6.40
C THR A 135 0.81 14.14 5.39
N TYR A 136 0.47 14.46 4.14
CA TYR A 136 0.49 13.51 3.04
C TYR A 136 1.92 13.41 2.50
N GLU A 137 2.78 12.77 3.30
CA GLU A 137 4.21 12.80 3.04
C GLU A 137 4.56 12.22 1.67
N ALA A 138 3.86 11.15 1.27
CA ALA A 138 4.14 10.52 -0.01
C ALA A 138 3.96 11.49 -1.16
N TYR A 139 2.88 12.26 -1.13
CA TYR A 139 2.61 13.22 -2.21
C TYR A 139 3.52 14.44 -2.10
N VAL A 140 3.85 14.85 -0.89
CA VAL A 140 4.72 16.02 -0.71
C VAL A 140 6.10 15.75 -1.30
N ARG A 141 6.66 14.57 -0.97
CA ARG A 141 8.04 14.28 -1.33
C ARG A 141 8.19 13.64 -2.71
N TYR A 142 7.21 12.86 -3.16
CA TYR A 142 7.31 12.12 -4.41
C TYR A 142 6.04 12.26 -5.25
N PRO A 143 5.65 13.49 -5.59
CA PRO A 143 4.45 13.65 -6.44
C PRO A 143 4.55 12.91 -7.76
N GLU A 144 5.76 12.80 -8.32
CA GLU A 144 5.93 12.14 -9.61
C GLU A 144 5.46 10.69 -9.59
N GLU A 145 5.35 10.07 -8.42
CA GLU A 145 4.87 8.69 -8.34
C GLU A 145 3.34 8.60 -8.42
N PHE A 146 2.65 9.72 -8.58
CA PHE A 146 1.20 9.73 -8.69
C PHE A 146 0.73 10.02 -10.11
N GLY A 147 1.65 10.11 -11.08
CA GLY A 147 1.28 10.14 -12.48
C GLY A 147 0.48 11.39 -12.85
N SER A 148 -0.66 11.17 -13.50
CA SER A 148 -1.49 12.27 -13.98
C SER A 148 -2.06 13.11 -12.85
N LYS A 149 -2.02 12.63 -11.61
CA LYS A 149 -2.49 13.39 -10.46
C LYS A 149 -1.34 14.03 -9.67
N SER A 150 -0.16 14.12 -10.28
CA SER A 150 1.03 14.65 -9.60
C SER A 150 1.04 16.17 -9.51
N GLY A 151 0.20 16.86 -10.27
CA GLY A 151 0.33 18.30 -10.36
C GLY A 151 1.54 18.77 -11.13
N LEU A 152 2.25 17.86 -11.80
CA LEU A 152 3.39 18.18 -12.63
C LEU A 152 3.08 17.81 -14.07
N SER A 153 3.79 18.45 -15.00
CA SER A 153 3.66 18.10 -16.40
C SER A 153 4.12 16.67 -16.62
N GLU A 154 3.61 16.05 -17.69
CA GLU A 154 3.98 14.69 -18.02
C GLU A 154 5.48 14.56 -18.20
N GLU A 155 6.13 15.58 -18.78
CA GLU A 155 7.57 15.53 -18.98
C GLU A 155 8.32 15.72 -17.67
N GLU A 156 7.78 16.50 -16.73
CA GLU A 156 8.42 16.63 -15.44
C GLU A 156 8.27 15.35 -14.61
N VAL A 157 7.12 14.68 -14.73
CA VAL A 157 6.96 13.38 -14.11
C VAL A 157 8.00 12.41 -14.64
N ARG A 158 8.17 12.42 -15.94
CA ARG A 158 9.11 11.55 -16.60
C ARG A 158 10.53 11.86 -16.18
N ARG A 159 10.88 13.12 -16.17
CA ARG A 159 12.23 13.55 -15.79
C ARG A 159 12.56 13.12 -14.37
N ARG A 160 11.66 13.38 -13.43
CA ARG A 160 11.92 13.04 -12.03
C ARG A 160 12.02 11.54 -11.82
N LEU A 161 11.17 10.77 -12.51
CA LEU A 161 11.20 9.32 -12.34
C LEU A 161 12.46 8.72 -12.95
N THR A 162 12.81 9.14 -14.17
CA THR A 162 14.00 8.60 -14.82
C THR A 162 15.27 8.96 -14.04
N ALA A 163 15.30 10.16 -13.46
CA ALA A 163 16.46 10.56 -12.67
C ALA A 163 16.65 9.66 -11.47
N ARG A 164 15.56 9.19 -10.87
CA ARG A 164 15.61 8.26 -9.75
C ARG A 164 15.84 6.82 -10.18
N GLY A 165 15.95 6.57 -11.49
CA GLY A 165 16.13 5.21 -11.98
C GLY A 165 14.87 4.40 -12.12
N LEU A 166 13.69 5.01 -11.98
CA LEU A 166 12.42 4.30 -12.05
C LEU A 166 11.89 4.36 -13.48
N LEU A 167 12.62 3.67 -14.37
CA LEU A 167 12.31 3.71 -15.80
C LEU A 167 11.00 3.00 -16.10
N ASN A 168 10.73 1.89 -15.41
CA ASN A 168 9.47 1.17 -15.63
C ASN A 168 8.28 2.02 -15.23
N MET A 169 8.36 2.69 -14.09
CA MET A 169 7.28 3.56 -13.66
C MET A 169 7.11 4.74 -14.61
N ALA A 170 8.23 5.27 -15.12
CA ALA A 170 8.14 6.36 -16.09
C ALA A 170 7.50 5.90 -17.39
N ASP A 171 7.61 4.62 -17.70
CA ASP A 171 7.03 4.05 -18.92
C ASP A 171 5.71 3.34 -18.60
#